data_4MNI
#
_entry.id   4MNI
#
_cell.length_a   107.228
_cell.length_b   107.228
_cell.length_c   113.310
_cell.angle_alpha   90.000
_cell.angle_beta   90.000
_cell.angle_gamma   120.000
#
_symmetry.space_group_name_H-M   'P 65 2 2'
#
loop_
_entity.id
_entity.type
_entity.pdbx_description
1 polymer 'TRAP dicarboxylate transporter-DctP subunit'
2 non-polymer 'BENZOYL-FORMIC ACID'
3 water water
#
_entity_poly.entity_id   1
_entity_poly.type   'polypeptide(L)'
_entity_poly.pdbx_seq_one_letter_code
;MKTRTLKVLKPTLALLLAASFSAGALAQEVTLRLVSAFPENGIYVQRLLPWIAKVNAEGKGVLQINFLGGPKAIPTFEAG
NAVKTGVVDMAMNTGAFYTNVMPEADFLKLTQIPVAEQRKNGAFDAINKVWNEKGNTQYLARMVENQPFHIYTNKKIDKP
DLSGQKIRISPVYRDFFQALNANVVTTPPGEVYTALERGVVDGYGWPIGGIFDLNWQEKTKFRVDPGFYDAEVSLTMNLP
AYKKLTDAQRNYLQKQLLVLEAENTFWTRYGNVETARQETAGIQTIKFDAATSKAFREKAYEVGWAGAMKQSPEVAARFK
TLFSKAENLYFQ
;
_entity_poly.pdbx_strand_id   A
#
loop_
_chem_comp.id
_chem_comp.type
_chem_comp.name
_chem_comp.formula
173 non-polymer 'BENZOYL-FORMIC ACID' 'C8 H6 O3'
#
# COMPACT_ATOMS: atom_id res chain seq x y z
N GLN A 28 22.49 -25.09 4.80
CA GLN A 28 22.20 -24.23 5.93
C GLN A 28 22.04 -22.76 5.53
N GLU A 29 22.37 -22.41 4.28
CA GLU A 29 21.95 -21.11 3.73
C GLU A 29 20.63 -21.32 3.01
N VAL A 30 19.64 -20.48 3.28
CA VAL A 30 18.36 -20.61 2.62
C VAL A 30 18.20 -19.46 1.61
N THR A 31 17.66 -19.78 0.45
CA THR A 31 17.32 -18.75 -0.53
C THR A 31 15.81 -18.65 -0.68
N LEU A 32 15.31 -17.45 -0.47
CA LEU A 32 13.89 -17.16 -0.48
C LEU A 32 13.57 -16.40 -1.76
N ARG A 33 12.54 -16.86 -2.46
CA ARG A 33 12.11 -16.24 -3.70
C ARG A 33 11.02 -15.20 -3.46
N LEU A 34 11.28 -14.00 -3.94
CA LEU A 34 10.42 -12.84 -3.68
C LEU A 34 9.94 -12.22 -4.99
N VAL A 35 8.66 -11.91 -5.05
N VAL A 35 8.65 -11.90 -5.04
CA VAL A 35 8.08 -11.25 -6.21
CA VAL A 35 8.08 -11.24 -6.20
C VAL A 35 7.53 -9.90 -5.81
C VAL A 35 7.50 -9.90 -5.80
N SER A 36 7.54 -8.96 -6.74
CA SER A 36 6.90 -7.67 -6.56
C SER A 36 5.56 -7.62 -7.26
N ALA A 37 4.54 -7.17 -6.54
CA ALA A 37 3.22 -6.97 -7.16
C ALA A 37 3.16 -5.62 -7.89
N PHE A 38 4.16 -4.77 -7.67
CA PHE A 38 4.21 -3.45 -8.30
C PHE A 38 5.21 -3.43 -9.46
N PRO A 39 4.92 -2.62 -10.48
CA PRO A 39 5.84 -2.46 -11.60
C PRO A 39 7.28 -2.20 -11.17
N GLU A 40 8.21 -2.78 -11.92
CA GLU A 40 9.61 -2.65 -11.56
C GLU A 40 10.20 -1.23 -11.74
N ASN A 41 9.63 -0.40 -12.61
CA ASN A 41 10.14 0.96 -12.78
C ASN A 41 9.63 1.91 -11.66
N GLY A 42 8.87 1.38 -10.73
CA GLY A 42 8.27 2.16 -9.64
C GLY A 42 9.20 2.38 -8.47
N ILE A 43 8.93 3.44 -7.71
CA ILE A 43 9.72 3.77 -6.54
C ILE A 43 9.78 2.61 -5.51
N TYR A 44 8.69 1.87 -5.34
CA TYR A 44 8.71 0.78 -4.34
C TYR A 44 9.78 -0.27 -4.66
N VAL A 45 9.84 -0.70 -5.91
CA VAL A 45 10.89 -1.63 -6.33
C VAL A 45 12.24 -0.95 -6.25
N GLN A 46 12.31 0.34 -6.55
CA GLN A 46 13.61 1.01 -6.48
C GLN A 46 14.15 1.05 -5.05
N ARG A 47 13.24 1.10 -4.07
CA ARG A 47 13.62 1.04 -2.66
C ARG A 47 13.94 -0.39 -2.23
N LEU A 48 13.21 -1.33 -2.82
CA LEU A 48 13.35 -2.74 -2.48
C LEU A 48 14.71 -3.32 -2.87
N LEU A 49 15.17 -3.01 -4.09
CA LEU A 49 16.34 -3.66 -4.66
C LEU A 49 17.64 -3.46 -3.84
N PRO A 50 17.94 -2.21 -3.39
CA PRO A 50 19.13 -2.02 -2.55
C PRO A 50 19.06 -2.76 -1.23
N TRP A 51 17.84 -2.92 -0.73
CA TRP A 51 17.66 -3.61 0.52
C TRP A 51 17.93 -5.10 0.30
N ILE A 52 17.40 -5.67 -0.78
CA ILE A 52 17.72 -7.05 -1.11
C ILE A 52 19.23 -7.25 -1.27
N ALA A 53 19.90 -6.31 -1.92
CA ALA A 53 21.34 -6.38 -2.12
C ALA A 53 22.07 -6.44 -0.78
N LYS A 54 21.60 -5.65 0.20
CA LYS A 54 22.18 -5.65 1.55
C LYS A 54 21.91 -7.00 2.24
N VAL A 55 20.68 -7.48 2.16
CA VAL A 55 20.36 -8.77 2.76
C VAL A 55 21.29 -9.86 2.25
N ASN A 56 21.52 -9.87 0.94
CA ASN A 56 22.37 -10.87 0.34
C ASN A 56 23.83 -10.70 0.72
N ALA A 57 24.33 -9.47 0.66
CA ALA A 57 25.73 -9.21 0.96
C ALA A 57 26.11 -9.56 2.40
N GLU A 58 25.16 -9.40 3.31
CA GLU A 58 25.41 -9.61 4.73
C GLU A 58 24.85 -10.93 5.26
N GLY A 59 24.30 -11.76 4.38
CA GLY A 59 23.67 -13.01 4.80
C GLY A 59 24.24 -14.27 4.20
N LYS A 60 25.45 -14.19 3.64
CA LYS A 60 26.05 -15.35 3.01
C LYS A 60 26.19 -16.47 4.02
N GLY A 61 25.75 -17.67 3.63
CA GLY A 61 25.79 -18.85 4.49
C GLY A 61 24.60 -18.96 5.43
N VAL A 62 23.74 -17.94 5.41
CA VAL A 62 22.59 -17.85 6.31
C VAL A 62 21.27 -17.74 5.54
N LEU A 63 21.10 -16.60 4.85
CA LEU A 63 19.86 -16.33 4.15
C LEU A 63 20.09 -15.39 2.95
N GLN A 64 19.47 -15.73 1.84
CA GLN A 64 19.51 -14.90 0.65
C GLN A 64 18.09 -14.72 0.12
N ILE A 65 17.91 -13.65 -0.65
CA ILE A 65 16.68 -13.41 -1.38
C ILE A 65 16.94 -13.35 -2.87
N ASN A 66 16.15 -14.12 -3.60
CA ASN A 66 16.15 -14.14 -5.05
C ASN A 66 14.99 -13.28 -5.52
N PHE A 67 15.26 -12.10 -6.06
CA PHE A 67 14.19 -11.26 -6.59
C PHE A 67 13.78 -11.74 -7.95
N LEU A 68 12.54 -12.16 -8.06
CA LEU A 68 12.05 -12.78 -9.28
C LEU A 68 11.47 -11.77 -10.24
N GLY A 69 11.21 -10.57 -9.79
CA GLY A 69 10.68 -9.57 -10.67
C GLY A 69 9.26 -9.23 -10.28
N GLY A 70 8.54 -8.64 -11.22
CA GLY A 70 7.36 -7.91 -10.89
C GLY A 70 6.18 -8.64 -11.45
N PRO A 71 5.17 -7.87 -11.86
CA PRO A 71 3.91 -8.46 -12.32
C PRO A 71 4.08 -9.40 -13.51
N LYS A 72 5.18 -9.26 -14.25
CA LYS A 72 5.42 -10.22 -15.34
C LYS A 72 5.66 -11.63 -14.81
N ALA A 73 6.25 -11.70 -13.62
CA ALA A 73 6.56 -12.98 -12.96
C ALA A 73 5.30 -13.64 -12.41
N ILE A 74 4.50 -12.88 -11.68
CA ILE A 74 3.24 -13.42 -11.17
C ILE A 74 2.27 -12.26 -11.20
N PRO A 75 1.07 -12.43 -11.77
CA PRO A 75 0.24 -11.23 -11.96
C PRO A 75 -0.04 -10.49 -10.64
N THR A 76 -0.10 -9.16 -10.73
CA THR A 76 -0.32 -8.27 -9.59
C THR A 76 -1.34 -8.81 -8.59
N PHE A 77 -2.53 -9.16 -9.08
CA PHE A 77 -3.60 -9.52 -8.15
C PHE A 77 -3.52 -10.96 -7.65
N GLU A 78 -2.50 -11.69 -8.10
CA GLU A 78 -2.31 -13.07 -7.69
C GLU A 78 -1.11 -13.30 -6.80
N ALA A 79 -0.33 -12.25 -6.55
CA ALA A 79 0.84 -12.39 -5.71
C ALA A 79 0.46 -12.81 -4.28
N GLY A 80 -0.68 -12.34 -3.81
CA GLY A 80 -1.13 -12.75 -2.50
C GLY A 80 -1.38 -14.25 -2.43
N ASN A 81 -2.06 -14.79 -3.43
CA ASN A 81 -2.28 -16.24 -3.50
C ASN A 81 -0.99 -17.05 -3.64
N ALA A 82 -0.06 -16.54 -4.44
CA ALA A 82 1.24 -17.16 -4.56
C ALA A 82 1.99 -17.26 -3.23
N VAL A 83 1.90 -16.22 -2.41
CA VAL A 83 2.50 -16.30 -1.08
C VAL A 83 1.76 -17.28 -0.15
N LYS A 84 0.44 -17.20 -0.15
CA LYS A 84 -0.40 -18.07 0.69
C LYS A 84 -0.09 -19.54 0.41
N THR A 85 0.01 -19.91 -0.87
CA THR A 85 0.15 -21.32 -1.22
C THR A 85 1.61 -21.74 -1.38
N GLY A 86 2.52 -20.80 -1.23
CA GLY A 86 3.94 -21.07 -1.27
C GLY A 86 4.51 -21.29 -2.66
N VAL A 87 3.80 -20.81 -3.66
CA VAL A 87 4.34 -20.77 -5.01
C VAL A 87 5.65 -19.96 -5.00
N VAL A 88 5.67 -18.86 -4.26
CA VAL A 88 6.88 -18.12 -3.97
C VAL A 88 6.91 -17.97 -2.44
N ASP A 89 8.05 -17.55 -1.91
CA ASP A 89 8.23 -17.47 -0.47
C ASP A 89 7.76 -16.13 0.08
N MET A 90 8.00 -15.08 -0.69
CA MET A 90 7.84 -13.69 -0.20
C MET A 90 7.29 -12.79 -1.30
N ALA A 91 6.66 -11.69 -0.89
CA ALA A 91 6.25 -10.63 -1.81
C ALA A 91 6.34 -9.26 -1.21
N MET A 92 6.61 -8.30 -2.08
CA MET A 92 6.34 -6.90 -1.79
C MET A 92 5.01 -6.59 -2.45
N ASN A 93 4.05 -6.15 -1.65
CA ASN A 93 2.68 -6.06 -2.10
C ASN A 93 1.89 -5.17 -1.16
N THR A 94 0.67 -4.80 -1.56
CA THR A 94 -0.29 -4.14 -0.68
C THR A 94 -1.46 -5.09 -0.51
N GLY A 95 -2.02 -5.11 0.69
CA GLY A 95 -3.22 -5.89 0.96
C GLY A 95 -4.40 -5.59 0.06
N ALA A 96 -4.48 -4.37 -0.48
CA ALA A 96 -5.51 -4.06 -1.48
C ALA A 96 -5.43 -4.98 -2.69
N PHE A 97 -4.26 -5.55 -2.97
CA PHE A 97 -4.12 -6.45 -4.11
C PHE A 97 -4.40 -7.91 -3.77
N TYR A 98 -4.69 -8.23 -2.51
CA TYR A 98 -5.02 -9.65 -2.19
C TYR A 98 -6.23 -9.82 -1.28
N THR A 99 -7.24 -9.00 -1.51
CA THR A 99 -8.54 -9.26 -0.91
C THR A 99 -9.13 -10.60 -1.38
N ASN A 100 -8.58 -11.20 -2.44
CA ASN A 100 -9.04 -12.52 -2.84
C ASN A 100 -8.49 -13.61 -1.91
N VAL A 101 -7.46 -13.29 -1.12
CA VAL A 101 -7.01 -14.17 -0.04
C VAL A 101 -7.88 -13.99 1.21
N MET A 102 -8.06 -12.73 1.61
CA MET A 102 -8.90 -12.38 2.75
C MET A 102 -9.32 -10.92 2.59
N PRO A 103 -10.61 -10.62 2.79
CA PRO A 103 -11.08 -9.22 2.72
C PRO A 103 -10.32 -8.29 3.65
N GLU A 104 -9.88 -8.84 4.77
CA GLU A 104 -9.18 -8.05 5.77
C GLU A 104 -7.88 -7.48 5.23
N ALA A 105 -7.37 -8.04 4.15
CA ALA A 105 -6.09 -7.60 3.56
C ALA A 105 -6.05 -6.08 3.30
N ASP A 106 -7.19 -5.52 2.93
CA ASP A 106 -7.28 -4.10 2.57
C ASP A 106 -7.37 -3.13 3.76
N PHE A 107 -7.50 -3.68 4.98
CA PHE A 107 -7.71 -2.86 6.18
C PHE A 107 -6.51 -2.02 6.59
N LEU A 108 -5.31 -2.38 6.12
CA LEU A 108 -4.11 -1.69 6.59
C LEU A 108 -4.00 -0.25 6.08
N LYS A 109 -4.79 0.08 5.06
CA LYS A 109 -4.90 1.48 4.62
C LYS A 109 -5.37 2.41 5.72
N LEU A 110 -5.96 1.83 6.76
CA LEU A 110 -6.64 2.59 7.79
C LEU A 110 -5.78 2.82 9.02
N THR A 111 -4.53 2.37 8.98
CA THR A 111 -3.63 2.65 10.11
C THR A 111 -3.39 4.14 10.27
N GLN A 112 -3.48 4.64 11.49
CA GLN A 112 -3.22 6.05 11.73
C GLN A 112 -2.08 6.22 12.74
N ILE A 113 -1.29 5.16 12.89
CA ILE A 113 -0.01 5.24 13.57
C ILE A 113 1.05 4.55 12.67
N PRO A 114 2.31 4.99 12.78
CA PRO A 114 3.32 4.36 11.92
C PRO A 114 3.72 2.97 12.43
N VAL A 115 4.40 2.19 11.58
CA VAL A 115 4.62 0.82 11.89
C VAL A 115 5.51 0.66 13.14
N ALA A 116 6.41 1.61 13.39
CA ALA A 116 7.23 1.51 14.60
C ALA A 116 6.33 1.50 15.84
N GLU A 117 5.29 2.32 15.81
CA GLU A 117 4.35 2.39 16.91
C GLU A 117 3.42 1.15 16.93
N GLN A 118 3.07 0.66 15.75
CA GLN A 118 2.31 -0.61 15.66
C GLN A 118 3.03 -1.77 16.33
N ARG A 119 4.36 -1.82 16.22
CA ARG A 119 5.09 -2.91 16.84
C ARG A 119 5.05 -2.85 18.35
N LYS A 120 4.74 -1.68 18.89
CA LYS A 120 4.77 -1.44 20.33
C LYS A 120 3.41 -1.44 20.99
N ASN A 121 2.33 -1.21 20.24
CA ASN A 121 1.00 -1.07 20.89
C ASN A 121 0.05 -2.23 20.64
N GLY A 122 0.53 -3.30 20.01
CA GLY A 122 -0.29 -4.46 19.73
C GLY A 122 -0.86 -4.56 18.32
N ALA A 123 -0.85 -3.48 17.54
CA ALA A 123 -1.41 -3.50 16.18
C ALA A 123 -0.68 -4.46 15.27
N PHE A 124 0.63 -4.44 15.30
CA PHE A 124 1.44 -5.30 14.45
C PHE A 124 1.18 -6.77 14.73
N ASP A 125 1.18 -7.12 16.02
CA ASP A 125 0.94 -8.50 16.40
C ASP A 125 -0.44 -8.96 15.95
N ALA A 126 -1.45 -8.11 16.12
CA ALA A 126 -2.80 -8.45 15.74
C ALA A 126 -2.90 -8.65 14.23
N ILE A 127 -2.23 -7.79 13.46
CA ILE A 127 -2.21 -7.93 12.00
C ILE A 127 -1.61 -9.27 11.63
N ASN A 128 -0.46 -9.57 12.22
CA ASN A 128 0.17 -10.84 11.89
C ASN A 128 -0.68 -12.03 12.22
N LYS A 129 -1.36 -12.00 13.37
CA LYS A 129 -2.17 -13.14 13.75
C LYS A 129 -3.27 -13.35 12.74
N VAL A 130 -3.89 -12.26 12.28
CA VAL A 130 -4.95 -12.41 11.28
C VAL A 130 -4.34 -12.92 9.97
N TRP A 131 -3.21 -12.36 9.58
CA TRP A 131 -2.58 -12.79 8.36
C TRP A 131 -2.26 -14.30 8.43
N ASN A 132 -1.77 -14.76 9.58
CA ASN A 132 -1.43 -16.16 9.76
C ASN A 132 -2.69 -17.02 9.59
N GLU A 133 -3.73 -16.62 10.30
CA GLU A 133 -4.92 -17.48 10.42
C GLU A 133 -5.81 -17.47 9.20
N LYS A 134 -5.97 -16.29 8.61
CA LYS A 134 -6.86 -16.15 7.47
C LYS A 134 -6.14 -16.27 6.13
N GLY A 135 -4.81 -16.09 6.10
CA GLY A 135 -4.11 -16.10 4.83
C GLY A 135 -2.87 -16.96 4.74
N ASN A 136 -2.59 -17.74 5.77
CA ASN A 136 -1.42 -18.61 5.80
C ASN A 136 -0.16 -17.81 5.46
N THR A 137 -0.10 -16.60 6.00
CA THR A 137 0.93 -15.62 5.63
C THR A 137 1.48 -14.94 6.88
N GLN A 138 2.81 -14.80 6.95
CA GLN A 138 3.44 -13.98 7.99
C GLN A 138 3.61 -12.55 7.48
N TYR A 139 3.15 -11.58 8.27
CA TYR A 139 3.29 -10.16 8.00
C TYR A 139 4.64 -9.73 8.55
N LEU A 140 5.57 -9.37 7.65
CA LEU A 140 6.95 -9.17 8.03
C LEU A 140 7.36 -7.74 8.35
N ALA A 141 7.00 -6.82 7.47
CA ALA A 141 7.41 -5.45 7.61
C ALA A 141 6.58 -4.55 6.72
N ARG A 142 6.44 -3.29 7.13
CA ARG A 142 5.80 -2.25 6.33
C ARG A 142 6.85 -1.29 5.81
N MET A 143 7.01 -1.21 4.49
CA MET A 143 8.10 -0.42 3.89
C MET A 143 7.60 0.83 3.18
N VAL A 144 6.28 1.04 3.18
CA VAL A 144 5.70 2.30 2.76
C VAL A 144 4.63 2.74 3.78
N GLU A 145 4.71 3.99 4.18
CA GLU A 145 3.75 4.63 5.11
C GLU A 145 4.00 6.10 4.92
N ASN A 146 3.18 6.94 5.55
N ASN A 146 3.23 6.98 5.58
CA ASN A 146 3.29 8.40 5.37
CA ASN A 146 3.30 8.44 5.34
C ASN A 146 3.27 8.77 3.87
C ASN A 146 3.28 8.77 3.84
N GLN A 147 2.31 8.15 3.18
CA GLN A 147 2.02 8.39 1.78
C GLN A 147 0.50 8.38 1.63
N PRO A 148 -0.14 9.49 1.94
CA PRO A 148 -1.59 9.56 1.82
C PRO A 148 -2.06 9.38 0.39
N PHE A 149 -3.25 8.81 0.23
CA PHE A 149 -3.86 8.69 -1.08
C PHE A 149 -4.57 9.95 -1.50
N HIS A 150 -4.61 10.19 -2.81
CA HIS A 150 -5.33 11.32 -3.37
C HIS A 150 -6.18 10.89 -4.57
N ILE A 151 -7.19 11.69 -4.86
CA ILE A 151 -7.84 11.62 -6.17
C ILE A 151 -7.00 12.43 -7.17
N TYR A 152 -6.72 11.84 -8.33
CA TYR A 152 -6.11 12.55 -9.47
C TYR A 152 -7.15 12.54 -10.59
N THR A 153 -7.28 13.65 -11.31
CA THR A 153 -8.24 13.67 -12.40
C THR A 153 -7.93 14.73 -13.44
N ASN A 154 -8.54 14.56 -14.61
CA ASN A 154 -8.45 15.54 -15.68
C ASN A 154 -9.68 16.45 -15.75
N LYS A 155 -10.66 16.23 -14.87
CA LYS A 155 -11.90 17.02 -14.85
C LYS A 155 -11.98 17.82 -13.57
N LYS A 156 -12.01 19.13 -13.68
CA LYS A 156 -11.98 19.99 -12.51
C LYS A 156 -13.24 19.80 -11.68
N ILE A 157 -13.08 19.89 -10.37
CA ILE A 157 -14.20 19.90 -9.44
C ILE A 157 -13.99 21.05 -8.45
N ASP A 158 -15.09 21.57 -7.93
CA ASP A 158 -15.03 22.57 -6.87
C ASP A 158 -15.69 22.03 -5.60
N LYS A 159 -16.41 20.91 -5.74
CA LYS A 159 -17.00 20.23 -4.59
C LYS A 159 -16.40 18.85 -4.42
N PRO A 160 -16.38 18.32 -3.19
CA PRO A 160 -16.05 16.91 -2.94
C PRO A 160 -17.06 15.93 -3.54
N ASP A 161 -17.23 15.98 -4.86
CA ASP A 161 -18.12 15.04 -5.53
C ASP A 161 -17.52 14.60 -6.86
N LEU A 162 -17.60 13.31 -7.14
CA LEU A 162 -17.03 12.78 -8.37
C LEU A 162 -18.11 12.38 -9.37
N SER A 163 -19.32 12.91 -9.21
CA SER A 163 -20.41 12.63 -10.14
C SER A 163 -19.98 12.79 -11.60
N GLY A 164 -20.30 11.80 -12.41
CA GLY A 164 -20.03 11.88 -13.83
C GLY A 164 -18.62 11.48 -14.24
N GLN A 165 -17.74 11.30 -13.25
CA GLN A 165 -16.35 10.96 -13.51
C GLN A 165 -16.10 9.46 -13.50
N LYS A 166 -15.19 9.02 -14.36
CA LYS A 166 -14.80 7.63 -14.43
C LYS A 166 -13.39 7.50 -13.86
N ILE A 167 -13.26 6.76 -12.75
CA ILE A 167 -12.02 6.79 -11.97
C ILE A 167 -11.41 5.39 -11.80
N ARG A 168 -10.14 5.26 -12.17
CA ARG A 168 -9.43 4.01 -11.95
C ARG A 168 -9.20 3.79 -10.44
N ILE A 169 -9.37 2.55 -9.99
CA ILE A 169 -9.22 2.20 -8.59
C ILE A 169 -8.60 0.83 -8.37
N SER A 170 -8.23 0.59 -7.12
CA SER A 170 -8.04 -0.75 -6.57
C SER A 170 -9.00 -0.74 -5.37
N PRO A 171 -9.07 -1.83 -4.62
CA PRO A 171 -9.91 -1.83 -3.41
C PRO A 171 -9.70 -0.65 -2.40
N VAL A 172 -8.53 -0.03 -2.39
CA VAL A 172 -8.29 1.08 -1.47
C VAL A 172 -9.44 2.09 -1.55
N TYR A 173 -9.79 2.48 -2.77
CA TYR A 173 -10.67 3.62 -2.99
C TYR A 173 -12.15 3.27 -3.19
N ARG A 174 -12.47 1.99 -3.32
CA ARG A 174 -13.82 1.60 -3.74
C ARG A 174 -14.93 2.20 -2.88
N ASP A 175 -14.89 1.99 -1.57
CA ASP A 175 -16.00 2.44 -0.74
C ASP A 175 -16.08 3.98 -0.77
N PHE A 176 -14.94 4.65 -0.66
CA PHE A 176 -14.90 6.12 -0.59
C PHE A 176 -15.31 6.76 -1.91
N PHE A 177 -14.74 6.27 -3.01
CA PHE A 177 -15.04 6.84 -4.34
C PHE A 177 -16.49 6.60 -4.76
N GLN A 178 -17.06 5.48 -4.36
CA GLN A 178 -18.48 5.28 -4.64
C GLN A 178 -19.36 6.22 -3.82
N ALA A 179 -18.98 6.46 -2.57
CA ALA A 179 -19.70 7.42 -1.74
C ALA A 179 -19.60 8.82 -2.36
N LEU A 180 -18.55 9.06 -3.15
CA LEU A 180 -18.41 10.32 -3.85
C LEU A 180 -19.10 10.28 -5.22
N ASN A 181 -19.79 9.18 -5.50
CA ASN A 181 -20.58 9.00 -6.73
C ASN A 181 -19.76 8.84 -8.00
N ALA A 182 -18.53 8.35 -7.87
CA ALA A 182 -17.70 8.04 -9.04
C ALA A 182 -18.12 6.73 -9.69
N ASN A 183 -17.97 6.66 -11.00
CA ASN A 183 -18.01 5.40 -11.70
C ASN A 183 -16.58 4.84 -11.66
N VAL A 184 -16.41 3.68 -11.04
CA VAL A 184 -15.08 3.16 -10.81
C VAL A 184 -14.77 2.00 -11.74
N VAL A 185 -13.49 1.86 -12.06
CA VAL A 185 -12.99 0.70 -12.80
C VAL A 185 -11.67 0.26 -12.19
N THR A 186 -11.55 -1.04 -11.95
CA THR A 186 -10.36 -1.63 -11.34
C THR A 186 -9.30 -1.90 -12.39
N THR A 187 -8.07 -1.47 -12.13
CA THR A 187 -6.91 -1.90 -12.92
C THR A 187 -5.73 -2.08 -11.99
N PRO A 188 -4.78 -2.95 -12.35
CA PRO A 188 -3.49 -2.91 -11.66
C PRO A 188 -2.70 -1.65 -12.04
N PRO A 189 -1.65 -1.33 -11.30
CA PRO A 189 -0.90 -0.10 -11.58
C PRO A 189 -0.35 -0.04 -13.00
N GLY A 190 0.03 -1.19 -13.53
CA GLY A 190 0.63 -1.27 -14.84
C GLY A 190 -0.26 -0.85 -15.99
N GLU A 191 -1.58 -0.85 -15.76
N GLU A 191 -1.57 -0.84 -15.78
CA GLU A 191 -2.55 -0.54 -16.82
CA GLU A 191 -2.48 -0.52 -16.88
C GLU A 191 -3.01 0.92 -16.80
C GLU A 191 -3.13 0.85 -16.70
N VAL A 192 -2.63 1.66 -15.77
CA VAL A 192 -3.16 3.00 -15.58
C VAL A 192 -2.85 3.93 -16.75
N TYR A 193 -1.64 3.87 -17.29
CA TYR A 193 -1.26 4.82 -18.34
C TYR A 193 -2.10 4.59 -19.57
N THR A 194 -2.25 3.32 -19.92
CA THR A 194 -3.10 2.90 -21.03
C THR A 194 -4.54 3.43 -20.88
N ALA A 195 -5.13 3.20 -19.71
CA ALA A 195 -6.50 3.64 -19.45
C ALA A 195 -6.62 5.16 -19.65
N LEU A 196 -5.63 5.91 -19.17
CA LEU A 196 -5.65 7.36 -19.31
C LEU A 196 -5.48 7.82 -20.76
N GLU A 197 -4.57 7.19 -21.51
CA GLU A 197 -4.27 7.59 -22.87
C GLU A 197 -5.48 7.35 -23.78
N ARG A 198 -6.16 6.24 -23.54
CA ARG A 198 -7.35 5.87 -24.31
C ARG A 198 -8.64 6.54 -23.82
N GLY A 199 -8.56 7.33 -22.76
CA GLY A 199 -9.74 8.04 -22.26
C GLY A 199 -10.75 7.12 -21.59
N VAL A 200 -10.32 5.90 -21.28
CA VAL A 200 -11.17 4.95 -20.56
C VAL A 200 -11.55 5.47 -19.17
N VAL A 201 -10.69 6.29 -18.57
CA VAL A 201 -10.94 6.90 -17.26
C VAL A 201 -10.59 8.38 -17.30
N ASP A 202 -11.23 9.14 -16.42
CA ASP A 202 -10.92 10.56 -16.27
C ASP A 202 -9.85 10.82 -15.20
N GLY A 203 -9.62 9.83 -14.35
CA GLY A 203 -8.70 9.99 -13.24
C GLY A 203 -8.45 8.69 -12.53
N TYR A 204 -7.79 8.76 -11.38
CA TYR A 204 -7.37 7.57 -10.66
C TYR A 204 -7.03 7.90 -9.21
N GLY A 205 -7.11 6.89 -8.36
CA GLY A 205 -6.54 6.97 -7.03
C GLY A 205 -5.07 6.52 -7.04
N TRP A 206 -4.24 7.21 -6.26
CA TRP A 206 -2.85 6.84 -6.07
C TRP A 206 -2.32 7.65 -4.89
N PRO A 207 -1.28 7.16 -4.21
CA PRO A 207 -0.60 8.02 -3.23
C PRO A 207 -0.08 9.35 -3.77
N ILE A 208 0.31 10.25 -2.87
CA ILE A 208 0.92 11.48 -3.27
C ILE A 208 2.17 11.19 -4.13
N GLY A 209 2.94 10.17 -3.78
CA GLY A 209 4.19 9.85 -4.47
C GLY A 209 4.10 8.79 -5.55
N GLY A 210 4.85 8.98 -6.65
CA GLY A 210 5.07 7.91 -7.61
C GLY A 210 4.39 8.06 -8.99
N ILE A 211 3.61 9.12 -9.20
CA ILE A 211 2.81 9.22 -10.43
C ILE A 211 3.69 9.41 -11.68
N PHE A 212 4.94 9.83 -11.48
CA PHE A 212 5.87 10.08 -12.62
C PHE A 212 6.53 8.80 -13.10
N ASP A 213 6.58 7.81 -12.22
CA ASP A 213 7.34 6.59 -12.51
C ASP A 213 6.85 5.96 -13.80
N LEU A 214 5.55 5.90 -13.98
CA LEU A 214 5.02 5.30 -15.19
C LEU A 214 4.45 6.39 -16.10
N ASN A 215 4.99 7.60 -15.94
CA ASN A 215 4.74 8.71 -16.84
C ASN A 215 3.28 9.20 -16.81
N TRP A 216 2.58 9.00 -15.69
CA TRP A 216 1.18 9.40 -15.63
C TRP A 216 0.98 10.92 -15.64
N GLN A 217 2.03 11.67 -15.35
CA GLN A 217 1.86 13.12 -15.25
C GLN A 217 1.43 13.67 -16.60
N GLU A 218 1.79 12.96 -17.66
CA GLU A 218 1.42 13.34 -19.03
C GLU A 218 -0.08 13.46 -19.22
N LYS A 219 -0.85 12.72 -18.42
CA LYS A 219 -2.30 12.67 -18.58
C LYS A 219 -3.04 12.92 -17.27
N THR A 220 -2.47 13.80 -16.45
CA THR A 220 -3.07 14.21 -15.18
C THR A 220 -3.08 15.72 -15.07
N LYS A 221 -4.26 16.33 -14.88
CA LYS A 221 -4.33 17.79 -14.76
C LYS A 221 -4.51 18.33 -13.34
N PHE A 222 -5.07 17.50 -12.46
CA PHE A 222 -5.40 17.93 -11.10
C PHE A 222 -5.12 16.86 -10.04
N ARG A 223 -4.68 17.28 -8.85
CA ARG A 223 -4.73 16.45 -7.64
C ARG A 223 -5.67 17.09 -6.63
N VAL A 224 -6.54 16.29 -6.04
CA VAL A 224 -7.44 16.80 -5.00
C VAL A 224 -6.76 16.63 -3.66
N ASP A 225 -6.81 17.68 -2.85
CA ASP A 225 -6.35 17.64 -1.48
C ASP A 225 -7.57 17.85 -0.60
N PRO A 226 -7.54 17.31 0.62
CA PRO A 226 -6.39 16.65 1.24
C PRO A 226 -6.27 15.17 0.87
N GLY A 227 -5.17 14.54 1.30
CA GLY A 227 -5.02 13.10 1.17
C GLY A 227 -5.88 12.36 2.19
N PHE A 228 -6.04 11.07 2.01
CA PHE A 228 -6.84 10.23 2.94
C PHE A 228 -6.20 8.86 3.04
N TYR A 229 -6.45 8.17 4.15
CA TYR A 229 -5.84 6.87 4.45
C TYR A 229 -4.30 6.99 4.42
N ASP A 230 -3.62 5.85 4.35
CA ASP A 230 -2.16 5.83 4.27
C ASP A 230 -1.75 4.59 3.53
N ALA A 231 -0.98 4.78 2.45
CA ALA A 231 -0.57 3.66 1.63
C ALA A 231 0.14 2.61 2.48
N GLU A 232 -0.27 1.36 2.30
CA GLU A 232 0.41 0.21 2.87
C GLU A 232 1.09 -0.58 1.79
N VAL A 233 2.42 -0.62 1.86
CA VAL A 233 3.17 -1.62 1.07
C VAL A 233 4.09 -2.33 2.03
N SER A 234 4.09 -3.67 1.97
CA SER A 234 4.69 -4.49 3.00
C SER A 234 5.37 -5.68 2.41
N LEU A 235 6.23 -6.32 3.19
CA LEU A 235 6.73 -7.61 2.84
C LEU A 235 5.95 -8.64 3.63
N THR A 236 5.49 -9.66 2.91
CA THR A 236 4.84 -10.80 3.52
C THR A 236 5.54 -12.09 3.09
N MET A 237 5.27 -13.17 3.81
CA MET A 237 5.96 -14.44 3.58
C MET A 237 5.01 -15.60 3.80
N ASN A 238 5.16 -16.64 2.98
CA ASN A 238 4.44 -17.90 3.22
C ASN A 238 4.72 -18.39 4.64
N LEU A 239 3.67 -18.70 5.41
CA LEU A 239 3.85 -19.00 6.82
C LEU A 239 4.64 -20.30 7.08
N PRO A 240 4.29 -21.39 6.38
CA PRO A 240 5.12 -22.59 6.57
C PRO A 240 6.60 -22.31 6.27
N ALA A 241 6.89 -21.61 5.19
CA ALA A 241 8.27 -21.24 4.87
C ALA A 241 8.91 -20.44 6.00
N TYR A 242 8.16 -19.50 6.55
CA TYR A 242 8.63 -18.71 7.67
C TYR A 242 8.95 -19.59 8.88
N LYS A 243 8.06 -20.54 9.20
CA LYS A 243 8.27 -21.40 10.36
C LYS A 243 9.44 -22.35 10.18
N LYS A 244 9.77 -22.64 8.93
CA LYS A 244 10.87 -23.54 8.58
C LYS A 244 12.23 -22.87 8.71
N LEU A 245 12.28 -21.55 8.74
CA LEU A 245 13.54 -20.87 9.03
C LEU A 245 14.10 -21.32 10.38
N THR A 246 15.41 -21.45 10.47
CA THR A 246 16.06 -21.68 11.75
C THR A 246 16.03 -20.37 12.56
N ASP A 247 16.38 -20.42 13.84
CA ASP A 247 16.42 -19.21 14.64
C ASP A 247 17.44 -18.25 14.08
N ALA A 248 18.59 -18.77 13.65
CA ALA A 248 19.61 -17.92 13.07
C ALA A 248 19.09 -17.16 11.84
N GLN A 249 18.36 -17.85 10.96
CA GLN A 249 17.91 -17.25 9.72
C GLN A 249 16.81 -16.23 10.01
N ARG A 250 15.87 -16.61 10.87
N ARG A 250 15.87 -16.60 10.87
CA ARG A 250 14.77 -15.74 11.24
CA ARG A 250 14.76 -15.73 11.23
C ARG A 250 15.29 -14.45 11.87
C ARG A 250 15.27 -14.45 11.89
N ASN A 251 16.22 -14.59 12.80
CA ASN A 251 16.75 -13.46 13.53
C ASN A 251 17.49 -12.50 12.59
N TYR A 252 18.19 -13.05 11.62
CA TYR A 252 18.89 -12.24 10.65
C TYR A 252 17.88 -11.52 9.78
N LEU A 253 16.86 -12.26 9.32
CA LEU A 253 15.84 -11.63 8.49
C LEU A 253 15.20 -10.49 9.25
N GLN A 254 14.86 -10.74 10.51
CA GLN A 254 14.19 -9.76 11.34
C GLN A 254 15.04 -8.51 11.53
N LYS A 255 16.33 -8.70 11.78
CA LYS A 255 17.25 -7.58 11.89
C LYS A 255 17.23 -6.70 10.65
N GLN A 256 17.20 -7.32 9.47
CA GLN A 256 17.20 -6.55 8.23
C GLN A 256 15.83 -5.94 7.93
N LEU A 257 14.76 -6.61 8.32
CA LEU A 257 13.43 -6.02 8.15
C LEU A 257 13.34 -4.72 8.94
N LEU A 258 13.90 -4.72 10.14
CA LEU A 258 13.89 -3.50 10.95
C LEU A 258 14.70 -2.39 10.30
N VAL A 259 15.79 -2.75 9.62
CA VAL A 259 16.56 -1.77 8.87
C VAL A 259 15.69 -1.14 7.76
N LEU A 260 14.93 -1.95 7.06
CA LEU A 260 14.06 -1.45 6.01
C LEU A 260 13.04 -0.47 6.58
N GLU A 261 12.39 -0.83 7.68
CA GLU A 261 11.42 0.07 8.32
C GLU A 261 12.05 1.34 8.88
N ALA A 262 13.30 1.22 9.35
CA ALA A 262 13.99 2.37 9.93
C ALA A 262 14.12 3.48 8.90
N GLU A 263 14.21 3.09 7.61
CA GLU A 263 14.30 4.07 6.54
C GLU A 263 12.96 4.64 6.12
N ASN A 264 11.86 4.30 6.81
CA ASN A 264 10.57 4.91 6.46
C ASN A 264 10.52 6.43 6.66
N THR A 265 11.50 7.00 7.34
CA THR A 265 11.64 8.46 7.36
C THR A 265 11.80 9.08 5.97
N PHE A 266 12.20 8.25 5.01
CA PHE A 266 12.33 8.66 3.59
C PHE A 266 11.02 9.20 3.03
N TRP A 267 9.90 8.61 3.44
CA TRP A 267 8.60 8.91 2.83
C TRP A 267 8.16 10.34 3.06
N THR A 268 8.73 10.97 4.10
CA THR A 268 8.53 12.39 4.41
C THR A 268 9.02 13.31 3.29
N ARG A 269 10.34 13.32 3.04
CA ARG A 269 10.91 14.11 1.97
C ARG A 269 10.24 13.74 0.65
N TYR A 270 9.96 12.45 0.47
CA TYR A 270 9.48 12.00 -0.82
C TYR A 270 8.13 12.63 -1.13
N GLY A 271 7.21 12.59 -0.17
CA GLY A 271 5.93 13.27 -0.29
C GLY A 271 6.05 14.76 -0.58
N ASN A 272 6.92 15.46 0.14
CA ASN A 272 7.12 16.89 -0.10
C ASN A 272 7.67 17.17 -1.51
N VAL A 273 8.66 16.38 -1.91
CA VAL A 273 9.32 16.54 -3.23
C VAL A 273 8.36 16.23 -4.38
N GLU A 274 7.63 15.13 -4.27
CA GLU A 274 6.67 14.74 -5.27
C GLU A 274 5.58 15.79 -5.39
N THR A 275 5.16 16.35 -4.25
CA THR A 275 4.16 17.41 -4.29
C THR A 275 4.66 18.60 -5.11
N ALA A 276 5.88 19.04 -4.84
CA ALA A 276 6.51 20.07 -5.62
C ALA A 276 6.64 19.70 -7.10
N ARG A 277 7.02 18.45 -7.37
CA ARG A 277 7.23 17.99 -8.74
C ARG A 277 5.93 18.12 -9.52
N GLN A 278 4.83 17.76 -8.87
CA GLN A 278 3.55 17.86 -9.54
C GLN A 278 3.24 19.31 -9.89
N GLU A 279 3.47 20.23 -8.96
CA GLU A 279 3.21 21.65 -9.20
C GLU A 279 4.01 22.14 -10.40
N THR A 280 5.28 21.72 -10.43
CA THR A 280 6.21 22.21 -11.44
C THR A 280 5.83 21.68 -12.81
N ALA A 281 5.23 20.50 -12.84
CA ALA A 281 4.84 19.88 -14.10
C ALA A 281 3.45 20.34 -14.56
N GLY A 282 2.87 21.32 -13.86
CA GLY A 282 1.62 21.91 -14.30
C GLY A 282 0.36 21.25 -13.77
N ILE A 283 0.53 20.35 -12.81
CA ILE A 283 -0.64 19.73 -12.21
C ILE A 283 -1.18 20.70 -11.19
N GLN A 284 -2.47 20.97 -11.26
CA GLN A 284 -3.08 21.95 -10.37
C GLN A 284 -3.69 21.26 -9.15
N THR A 285 -3.51 21.86 -8.00
CA THR A 285 -4.07 21.33 -6.77
C THR A 285 -5.47 21.88 -6.53
N ILE A 286 -6.42 20.99 -6.35
CA ILE A 286 -7.78 21.37 -5.98
C ILE A 286 -7.89 21.35 -4.45
N LYS A 287 -8.33 22.48 -3.88
CA LYS A 287 -8.39 22.70 -2.45
C LYS A 287 -9.83 23.02 -2.04
N PHE A 288 -10.24 22.58 -0.85
CA PHE A 288 -11.50 23.02 -0.25
C PHE A 288 -11.19 23.78 1.03
N ASP A 289 -12.21 24.41 1.64
CA ASP A 289 -11.97 25.15 2.87
C ASP A 289 -11.77 24.17 4.03
N ALA A 290 -11.33 24.69 5.17
CA ALA A 290 -10.98 23.85 6.32
C ALA A 290 -12.09 22.87 6.68
N ALA A 291 -13.33 23.37 6.82
CA ALA A 291 -14.44 22.51 7.22
C ALA A 291 -14.70 21.41 6.19
N THR A 292 -14.68 21.78 4.92
CA THR A 292 -14.96 20.83 3.85
C THR A 292 -13.83 19.78 3.76
N SER A 293 -12.58 20.21 3.86
CA SER A 293 -11.46 19.25 3.84
C SER A 293 -11.57 18.27 5.00
N LYS A 294 -11.86 18.80 6.19
CA LYS A 294 -11.98 17.94 7.36
C LYS A 294 -13.09 16.90 7.18
N ALA A 295 -14.23 17.33 6.64
CA ALA A 295 -15.37 16.42 6.45
C ALA A 295 -15.02 15.36 5.41
N PHE A 296 -14.28 15.78 4.40
CA PHE A 296 -13.89 14.92 3.29
C PHE A 296 -13.08 13.72 3.81
N ARG A 297 -12.07 14.01 4.64
CA ARG A 297 -11.27 12.95 5.23
C ARG A 297 -12.09 12.10 6.20
N GLU A 298 -12.93 12.76 6.98
CA GLU A 298 -13.73 12.01 7.93
C GLU A 298 -14.63 11.06 7.18
N LYS A 299 -15.19 11.51 6.07
CA LYS A 299 -16.04 10.65 5.28
C LYS A 299 -15.24 9.43 4.80
N ALA A 300 -14.03 9.68 4.32
CA ALA A 300 -13.19 8.58 3.82
C ALA A 300 -13.07 7.50 4.89
N TYR A 301 -12.69 7.90 6.09
CA TYR A 301 -12.50 6.95 7.18
C TYR A 301 -13.82 6.37 7.66
N GLU A 302 -14.85 7.19 7.67
CA GLU A 302 -16.13 6.72 8.11
C GLU A 302 -16.58 5.60 7.17
N VAL A 303 -16.57 5.82 5.86
CA VAL A 303 -17.04 4.77 4.96
C VAL A 303 -16.02 3.63 4.82
N GLY A 304 -14.74 3.96 5.02
CA GLY A 304 -13.69 2.96 5.00
C GLY A 304 -13.91 1.92 6.09
N TRP A 305 -14.17 2.39 7.30
CA TRP A 305 -14.39 1.49 8.41
C TRP A 305 -15.74 0.76 8.28
N ALA A 306 -16.77 1.44 7.76
CA ALA A 306 -18.08 0.80 7.62
C ALA A 306 -17.94 -0.42 6.71
N GLY A 307 -17.20 -0.25 5.62
CA GLY A 307 -16.90 -1.33 4.70
C GLY A 307 -16.18 -2.49 5.36
N ALA A 308 -15.09 -2.20 6.06
CA ALA A 308 -14.35 -3.23 6.81
C ALA A 308 -15.24 -3.94 7.82
N MET A 309 -16.09 -3.19 8.51
CA MET A 309 -16.99 -3.79 9.47
C MET A 309 -17.98 -4.74 8.78
N LYS A 310 -18.45 -4.36 7.60
CA LYS A 310 -19.36 -5.23 6.83
C LYS A 310 -18.68 -6.53 6.42
N GLN A 311 -17.41 -6.44 5.99
CA GLN A 311 -16.68 -7.62 5.50
C GLN A 311 -16.17 -8.52 6.63
N SER A 312 -15.82 -7.93 7.78
CA SER A 312 -15.22 -8.73 8.83
C SER A 312 -15.32 -8.01 10.17
N PRO A 313 -16.51 -8.07 10.81
CA PRO A 313 -16.82 -7.22 11.97
C PRO A 313 -15.85 -7.38 13.13
N GLU A 314 -15.55 -8.61 13.52
CA GLU A 314 -14.67 -8.84 14.65
C GLU A 314 -13.26 -8.30 14.42
N VAL A 315 -12.67 -8.66 13.30
CA VAL A 315 -11.33 -8.19 13.01
C VAL A 315 -11.31 -6.67 12.86
N ALA A 316 -12.28 -6.12 12.15
CA ALA A 316 -12.27 -4.69 11.91
C ALA A 316 -12.34 -3.93 13.24
N ALA A 317 -13.14 -4.42 14.20
CA ALA A 317 -13.25 -3.76 15.50
C ALA A 317 -11.95 -3.85 16.28
N ARG A 318 -11.28 -5.00 16.19
CA ARG A 318 -10.00 -5.18 16.86
C ARG A 318 -8.94 -4.23 16.29
N PHE A 319 -8.84 -4.18 14.96
CA PHE A 319 -7.90 -3.28 14.32
C PHE A 319 -8.21 -1.81 14.60
N LYS A 320 -9.49 -1.43 14.60
CA LYS A 320 -9.81 0.00 14.68
C LYS A 320 -9.35 0.55 16.00
N THR A 321 -9.54 -0.25 17.03
CA THR A 321 -9.07 0.07 18.36
C THR A 321 -7.55 0.30 18.40
N LEU A 322 -6.80 -0.54 17.70
CA LEU A 322 -5.34 -0.49 17.73
C LEU A 322 -4.73 0.42 16.64
N PHE A 323 -5.52 0.91 15.69
CA PHE A 323 -4.96 1.66 14.57
C PHE A 323 -4.85 3.17 14.85
N SER A 324 -5.32 3.60 16.03
CA SER A 324 -5.17 4.99 16.47
C SER A 324 -4.71 5.08 17.92
N LYS A 325 -4.05 6.17 18.29
CA LYS A 325 -3.76 6.46 19.71
C LYS A 325 -4.76 7.47 20.22
N ALA A 326 -5.19 7.31 21.49
CA ALA A 326 -6.18 8.20 22.11
C ALA A 326 -5.83 9.67 21.98
N GLU A 327 -4.58 10.04 22.30
CA GLU A 327 -4.16 11.44 22.34
C GLU A 327 -4.17 12.09 20.96
N ASN A 328 -4.19 11.26 19.93
CA ASN A 328 -4.26 11.70 18.54
C ASN A 328 -5.68 11.89 18.04
N LEU A 329 -6.63 11.18 18.67
CA LEU A 329 -8.00 11.08 18.14
C LEU A 329 -8.60 12.43 17.79
N TYR A 330 -8.44 13.40 18.68
CA TYR A 330 -9.03 14.72 18.46
C TYR A 330 -8.35 15.47 17.30
N PHE A 331 -7.09 15.13 17.01
CA PHE A 331 -6.24 15.89 16.06
C PHE A 331 -6.03 15.14 14.74
O1B 173 B . -3.12 0.39 -6.93
C1 173 B . -3.34 1.24 -6.02
O1A 173 B . -3.70 2.42 -6.29
C2 173 B . -3.10 0.80 -4.62
O2 173 B . -3.88 0.03 -4.08
C1G 173 B . -1.85 1.22 -3.93
C2D 173 B . -1.62 0.74 -2.63
C2E 173 B . -0.48 1.08 -1.96
C3 173 B . 0.45 1.92 -2.60
C1E 173 B . 0.21 2.43 -3.89
C1D 173 B . -0.96 2.07 -4.57
#